data_5ALM
#
_entry.id   5ALM
#
_cell.length_a   92.707
_cell.length_b   92.707
_cell.length_c   245.462
_cell.angle_alpha   90.00
_cell.angle_beta   90.00
_cell.angle_gamma   120.00
#
_symmetry.space_group_name_H-M   'P 65 2 2'
#
loop_
_entity.id
_entity.type
_entity.pdbx_description
1 polymer 'BIFUNCTIONAL EPOXIDE HYDROLASE 2'
2 non-polymer 'DIMETHYL SULFOXIDE'
3 non-polymer (3R)-1-(cyclopropylmethyl)-3-methyl-3-(4-methylsulfanylphenoxy)pyrrolidine
4 water water
#
_entity_poly.entity_id   1
_entity_poly.type   'polypeptide(L)'
_entity_poly.pdbx_seq_one_letter_code
;GMTLRAAVFDLDGVLALPAVFGVLGRTEEALALPRGLLNDAFQKGGPEGATTRLMKGEITLSQWIPLMEENCRKCSETAK
VCLPKNFSIKEIFDKAISARKINRPMLQAALMLRKKGFTTAILTNTWLDDRAERDGLAQLMCELKMHFDFLIESCQVGMV
KPEPQIYKFLLDTLKASPSEVVFLDDIGANLKPARDLGMVTILVQDTDTALKELEKVTGIQLLNTPAPLPTSCNPSDMSH
GYVTVKPRVRLHFVELGSGPAVCLCHGFPESWYSWRYQIPALAQAGYRVLAMDMKGYGESSAPPEIEEYCMEVLCKEMVT
FLDKLGLSQAVFIGHDWGGMLVWYMALFYPERVRAVASLNTPFIPANPNMSPLESIKANPVFDYQLYFQEPGVAEAELEQ
NLSRTFKSLFRASDESVLSMHKVCEAGGLFVNSPEEPSLSRMVTEEEIQFYVQQFKKSGFRGPLNWYRNMERNWKWACKS
LGRKILIPALMVTAEKDFVLVPQMSQHMEDWIPHLKRGHIEDCGHWTQMDKPTEVNQILIKWLDSDARN
;
_entity_poly.pdbx_strand_id   A
#
loop_
_chem_comp.id
_chem_comp.type
_chem_comp.name
_chem_comp.formula
7GM non-polymer (3R)-1-(cyclopropylmethyl)-3-methyl-3-(4-methylsulfanylphenoxy)pyrrolidine 'C16 H23 N O S'
DMS non-polymer 'DIMETHYL SULFOXIDE' 'C2 H6 O S'
#
# COMPACT_ATOMS: atom_id res chain seq x y z
N THR A 3 4.02 -34.18 3.93
CA THR A 3 4.27 -32.85 4.48
C THR A 3 4.11 -31.73 3.44
N LEU A 4 3.15 -30.82 3.66
CA LEU A 4 2.85 -29.74 2.73
C LEU A 4 3.80 -28.56 2.83
N ARG A 5 4.14 -27.98 1.67
CA ARG A 5 4.96 -26.78 1.57
C ARG A 5 4.56 -25.86 0.40
N ALA A 6 3.46 -26.21 -0.30
CA ALA A 6 2.88 -25.44 -1.41
C ALA A 6 1.36 -25.46 -1.41
N ALA A 7 0.74 -24.31 -1.72
CA ALA A 7 -0.71 -24.13 -1.79
C ALA A 7 -1.07 -23.51 -3.12
N VAL A 8 -1.96 -24.16 -3.86
CA VAL A 8 -2.37 -23.72 -5.18
C VAL A 8 -3.86 -23.39 -5.12
N PHE A 9 -4.24 -22.24 -5.69
CA PHE A 9 -5.60 -21.75 -5.67
C PHE A 9 -6.12 -21.45 -7.05
N ASP A 10 -7.40 -21.77 -7.28
CA ASP A 10 -8.05 -21.41 -8.52
C ASP A 10 -8.47 -19.94 -8.39
N LEU A 11 -8.80 -19.29 -9.50
CA LEU A 11 -9.23 -17.91 -9.47
C LEU A 11 -10.75 -17.85 -9.36
N ASP A 12 -11.46 -18.24 -10.41
CA ASP A 12 -12.92 -18.17 -10.42
C ASP A 12 -13.55 -19.12 -9.38
N GLY A 13 -14.41 -18.59 -8.51
CA GLY A 13 -15.04 -19.35 -7.46
C GLY A 13 -14.15 -19.68 -6.27
N VAL A 14 -12.85 -19.32 -6.31
CA VAL A 14 -11.93 -19.62 -5.20
C VAL A 14 -11.31 -18.32 -4.67
N LEU A 15 -10.44 -17.67 -5.46
CA LEU A 15 -9.84 -16.38 -5.05
C LEU A 15 -10.72 -15.17 -5.40
N ALA A 16 -11.67 -15.34 -6.35
CA ALA A 16 -12.56 -14.29 -6.82
C ALA A 16 -14.02 -14.77 -6.87
N LEU A 17 -14.94 -13.95 -6.32
CA LEU A 17 -16.37 -14.25 -6.21
C LEU A 17 -17.28 -13.05 -6.60
N PRO A 18 -18.53 -13.29 -7.07
CA PRO A 18 -19.15 -14.59 -7.38
C PRO A 18 -18.50 -15.19 -8.60
N ALA A 19 -18.42 -16.53 -8.66
CA ALA A 19 -17.85 -17.22 -9.81
C ALA A 19 -18.51 -16.68 -11.08
N VAL A 20 -17.70 -16.18 -12.03
CA VAL A 20 -18.16 -15.65 -13.33
C VAL A 20 -19.04 -16.70 -14.03
N PHE A 21 -18.69 -18.00 -13.87
CA PHE A 21 -19.41 -19.16 -14.38
C PHE A 21 -20.86 -19.23 -13.87
N GLY A 22 -21.08 -18.89 -12.59
CA GLY A 22 -22.39 -18.91 -11.94
C GLY A 22 -23.44 -18.01 -12.57
N VAL A 23 -23.01 -17.02 -13.36
CA VAL A 23 -23.86 -16.06 -14.06
C VAL A 23 -24.69 -16.72 -15.19
N LEU A 24 -24.22 -17.84 -15.77
CA LEU A 24 -25.00 -18.53 -16.82
C LEU A 24 -26.31 -19.11 -16.25
N GLY A 25 -26.24 -19.68 -15.05
CA GLY A 25 -27.39 -20.24 -14.35
C GLY A 25 -28.32 -19.15 -13.87
N ARG A 26 -27.74 -18.05 -13.32
CA ARG A 26 -28.48 -16.89 -12.84
C ARG A 26 -29.17 -16.19 -14.02
N THR A 27 -28.49 -16.11 -15.19
CA THR A 27 -29.05 -15.53 -16.42
C THR A 27 -30.21 -16.38 -16.94
N GLU A 28 -30.08 -17.72 -16.89
CA GLU A 28 -31.12 -18.67 -17.33
C GLU A 28 -32.41 -18.46 -16.53
N GLU A 29 -32.29 -18.38 -15.18
CA GLU A 29 -33.36 -18.21 -14.20
C GLU A 29 -34.02 -16.85 -14.32
N ALA A 30 -33.21 -15.80 -14.53
CA ALA A 30 -33.69 -14.43 -14.71
C ALA A 30 -34.41 -14.28 -16.05
N LEU A 31 -34.00 -15.07 -17.06
CA LEU A 31 -34.62 -15.04 -18.38
C LEU A 31 -35.66 -16.14 -18.61
N ALA A 32 -35.91 -16.99 -17.59
CA ALA A 32 -36.83 -18.14 -17.66
C ALA A 32 -36.57 -19.05 -18.90
N LEU A 33 -35.28 -19.20 -19.25
CA LEU A 33 -34.81 -20.04 -20.34
C LEU A 33 -34.68 -21.48 -19.79
N PRO A 34 -34.73 -22.54 -20.64
CA PRO A 34 -34.53 -23.90 -20.14
C PRO A 34 -33.24 -24.02 -19.33
N ARG A 35 -33.32 -24.80 -18.25
CA ARG A 35 -32.21 -25.02 -17.35
C ARG A 35 -31.00 -25.59 -18.11
N GLY A 36 -29.82 -25.03 -17.84
CA GLY A 36 -28.57 -25.45 -18.46
C GLY A 36 -28.31 -25.04 -19.90
N LEU A 37 -29.26 -24.36 -20.57
CA LEU A 37 -29.13 -23.91 -21.98
C LEU A 37 -27.85 -23.07 -22.21
N LEU A 38 -27.61 -22.08 -21.35
CA LEU A 38 -26.47 -21.18 -21.44
C LEU A 38 -25.18 -21.86 -21.00
N ASN A 39 -25.21 -22.65 -19.91
CA ASN A 39 -24.04 -23.38 -19.42
C ASN A 39 -23.63 -24.45 -20.44
N ASP A 40 -24.61 -24.88 -21.27
CA ASP A 40 -24.38 -25.85 -22.33
C ASP A 40 -23.75 -25.26 -23.56
N ALA A 41 -24.25 -24.10 -24.03
CA ALA A 41 -23.71 -23.38 -25.19
C ALA A 41 -22.25 -22.98 -24.91
N PHE A 42 -21.94 -22.73 -23.63
CA PHE A 42 -20.61 -22.39 -23.12
C PHE A 42 -19.61 -23.53 -23.26
N GLN A 43 -20.02 -24.79 -23.08
CA GLN A 43 -19.10 -25.92 -23.20
C GLN A 43 -19.28 -26.76 -24.47
N LYS A 44 -20.02 -26.22 -25.46
CA LYS A 44 -20.28 -26.89 -26.73
C LYS A 44 -18.99 -27.25 -27.45
N GLY A 45 -18.88 -28.51 -27.88
CA GLY A 45 -17.70 -29.02 -28.58
C GLY A 45 -16.58 -29.52 -27.69
N GLY A 46 -16.65 -29.23 -26.39
CA GLY A 46 -15.64 -29.61 -25.40
C GLY A 46 -14.22 -29.23 -25.79
N PRO A 47 -13.32 -30.24 -25.94
CA PRO A 47 -11.91 -29.95 -26.34
C PRO A 47 -11.64 -29.14 -27.61
N GLU A 48 -12.43 -29.27 -28.68
CA GLU A 48 -12.19 -28.45 -29.88
C GLU A 48 -13.26 -27.37 -30.05
N GLY A 49 -14.04 -27.18 -29.01
CA GLY A 49 -15.07 -26.14 -28.96
C GLY A 49 -14.43 -24.78 -28.77
N ALA A 50 -15.20 -23.71 -29.01
CA ALA A 50 -14.76 -22.33 -28.92
C ALA A 50 -14.14 -21.98 -27.56
N THR A 51 -14.77 -22.40 -26.45
CA THR A 51 -14.31 -22.10 -25.10
C THR A 51 -12.92 -22.66 -24.78
N THR A 52 -12.61 -23.89 -25.24
CA THR A 52 -11.28 -24.47 -24.99
C THR A 52 -10.20 -23.64 -25.70
N ARG A 53 -10.45 -23.29 -26.98
CA ARG A 53 -9.57 -22.48 -27.84
C ARG A 53 -9.31 -21.13 -27.18
N LEU A 54 -10.36 -20.53 -26.58
CA LEU A 54 -10.27 -19.29 -25.82
C LEU A 54 -9.36 -19.50 -24.60
N MET A 55 -9.65 -20.55 -23.79
CA MET A 55 -8.90 -20.86 -22.58
C MET A 55 -7.43 -21.24 -22.84
N LYS A 56 -7.11 -21.77 -24.04
CA LYS A 56 -5.75 -22.13 -24.47
C LYS A 56 -4.99 -20.93 -25.10
N GLY A 57 -5.69 -19.84 -25.35
CA GLY A 57 -5.08 -18.64 -25.93
C GLY A 57 -5.03 -18.62 -27.44
N GLU A 58 -5.78 -19.52 -28.10
CA GLU A 58 -5.81 -19.58 -29.56
C GLU A 58 -6.54 -18.38 -30.15
N ILE A 59 -7.57 -17.90 -29.44
CA ILE A 59 -8.38 -16.75 -29.83
C ILE A 59 -8.54 -15.83 -28.63
N THR A 60 -8.90 -14.55 -28.87
CA THR A 60 -9.13 -13.58 -27.80
C THR A 60 -10.61 -13.60 -27.37
N LEU A 61 -10.91 -13.00 -26.20
CA LEU A 61 -12.29 -12.88 -25.70
C LEU A 61 -13.24 -12.22 -26.71
N SER A 62 -12.80 -11.15 -27.42
CA SER A 62 -13.64 -10.48 -28.42
C SER A 62 -13.91 -11.33 -29.66
N GLN A 63 -13.00 -12.26 -30.02
CA GLN A 63 -13.19 -13.19 -31.13
C GLN A 63 -14.14 -14.32 -30.66
N TRP A 64 -14.14 -14.60 -29.36
CA TRP A 64 -14.97 -15.66 -28.78
C TRP A 64 -16.46 -15.31 -28.66
N ILE A 65 -16.80 -14.05 -28.33
CA ILE A 65 -18.19 -13.58 -28.18
C ILE A 65 -19.08 -14.03 -29.36
N PRO A 66 -18.74 -13.75 -30.65
CA PRO A 66 -19.60 -14.21 -31.75
C PRO A 66 -19.77 -15.73 -31.81
N LEU A 67 -18.74 -16.49 -31.42
CA LEU A 67 -18.80 -17.96 -31.44
C LEU A 67 -19.79 -18.48 -30.39
N MET A 68 -19.79 -17.86 -29.19
CA MET A 68 -20.69 -18.18 -28.06
C MET A 68 -22.18 -17.95 -28.43
N GLU A 69 -22.45 -16.85 -29.14
CA GLU A 69 -23.77 -16.46 -29.63
C GLU A 69 -24.29 -17.51 -30.63
N GLU A 70 -23.40 -18.01 -31.52
CA GLU A 70 -23.74 -19.05 -32.48
C GLU A 70 -24.10 -20.35 -31.74
N ASN A 71 -23.34 -20.68 -30.68
CA ASN A 71 -23.61 -21.86 -29.85
C ASN A 71 -24.93 -21.72 -29.09
N CYS A 72 -25.29 -20.48 -28.67
CA CYS A 72 -26.55 -20.18 -27.97
C CYS A 72 -27.74 -20.45 -28.89
N ARG A 73 -27.65 -20.04 -30.18
CA ARG A 73 -28.67 -20.26 -31.20
C ARG A 73 -28.90 -21.77 -31.43
N LYS A 74 -27.81 -22.52 -31.69
CA LYS A 74 -27.84 -23.96 -31.96
C LYS A 74 -28.45 -24.76 -30.79
N CYS A 75 -28.06 -24.40 -29.55
CA CYS A 75 -28.56 -25.03 -28.31
C CYS A 75 -30.05 -24.75 -28.12
N SER A 76 -30.48 -23.49 -28.40
CA SER A 76 -31.87 -23.02 -28.31
C SER A 76 -32.79 -23.75 -29.30
N GLU A 77 -32.30 -23.99 -30.53
CA GLU A 77 -33.01 -24.69 -31.61
C GLU A 77 -33.36 -26.12 -31.16
N THR A 78 -32.35 -26.86 -30.65
CA THR A 78 -32.48 -28.22 -30.13
C THR A 78 -33.45 -28.24 -28.91
N ALA A 79 -33.37 -27.21 -28.05
CA ALA A 79 -34.22 -27.06 -26.86
C ALA A 79 -35.68 -26.68 -27.16
N LYS A 80 -35.97 -26.26 -28.42
CA LYS A 80 -37.29 -25.83 -28.92
C LYS A 80 -37.78 -24.53 -28.27
N VAL A 81 -36.83 -23.67 -27.93
CA VAL A 81 -37.09 -22.38 -27.29
C VAL A 81 -36.52 -21.23 -28.11
N CYS A 82 -37.07 -20.04 -27.93
CA CYS A 82 -36.61 -18.86 -28.62
C CYS A 82 -35.85 -17.99 -27.64
N LEU A 83 -34.73 -17.42 -28.10
CA LEU A 83 -33.92 -16.52 -27.27
C LEU A 83 -34.60 -15.14 -27.18
N PRO A 84 -34.51 -14.42 -26.03
CA PRO A 84 -35.16 -13.10 -25.93
C PRO A 84 -34.63 -12.12 -26.97
N LYS A 85 -35.44 -11.10 -27.30
CA LYS A 85 -35.15 -10.08 -28.32
C LYS A 85 -33.84 -9.29 -28.14
N ASN A 86 -33.54 -8.84 -26.90
CA ASN A 86 -32.41 -7.96 -26.60
C ASN A 86 -31.18 -8.65 -25.97
N PHE A 87 -31.03 -9.96 -26.24
CA PHE A 87 -29.96 -10.84 -25.76
C PHE A 87 -28.58 -10.36 -26.17
N SER A 88 -27.65 -10.29 -25.20
CA SER A 88 -26.25 -9.89 -25.43
C SER A 88 -25.29 -10.62 -24.50
N ILE A 89 -24.48 -11.53 -25.08
CA ILE A 89 -23.44 -12.33 -24.40
C ILE A 89 -22.40 -11.37 -23.83
N LYS A 90 -22.02 -10.34 -24.63
CA LYS A 90 -21.10 -9.29 -24.21
C LYS A 90 -21.62 -8.62 -22.94
N GLU A 91 -22.89 -8.14 -22.97
CA GLU A 91 -23.57 -7.47 -21.85
C GLU A 91 -23.55 -8.36 -20.61
N ILE A 92 -23.87 -9.65 -20.79
CA ILE A 92 -23.89 -10.64 -19.70
C ILE A 92 -22.47 -10.84 -19.11
N PHE A 93 -21.48 -11.11 -19.98
CA PHE A 93 -20.11 -11.32 -19.52
C PHE A 93 -19.44 -10.08 -18.94
N ASP A 94 -19.68 -8.87 -19.51
CA ASP A 94 -19.16 -7.60 -19.03
C ASP A 94 -19.58 -7.40 -17.58
N LYS A 95 -20.87 -7.67 -17.30
CA LYS A 95 -21.47 -7.53 -15.98
C LYS A 95 -20.95 -8.55 -14.98
N ALA A 96 -20.83 -9.83 -15.39
CA ALA A 96 -20.30 -10.91 -14.56
C ALA A 96 -18.86 -10.63 -14.09
N ILE A 97 -18.01 -10.18 -15.03
CA ILE A 97 -16.60 -9.87 -14.77
C ILE A 97 -16.45 -8.69 -13.82
N SER A 98 -17.19 -7.60 -14.07
CA SER A 98 -17.17 -6.40 -13.23
C SER A 98 -17.73 -6.67 -11.84
N ALA A 99 -18.69 -7.61 -11.72
CA ALA A 99 -19.30 -7.99 -10.45
C ALA A 99 -18.38 -8.83 -9.58
N ARG A 100 -17.49 -9.62 -10.21
CA ARG A 100 -16.55 -10.50 -9.53
C ARG A 100 -15.49 -9.68 -8.79
N LYS A 101 -15.35 -9.94 -7.49
CA LYS A 101 -14.43 -9.25 -6.60
C LYS A 101 -13.55 -10.28 -5.90
N ILE A 102 -12.40 -9.84 -5.38
CA ILE A 102 -11.47 -10.68 -4.62
C ILE A 102 -12.22 -11.22 -3.40
N ASN A 103 -12.06 -12.53 -3.15
CA ASN A 103 -12.62 -13.21 -1.99
C ASN A 103 -11.59 -12.96 -0.89
N ARG A 104 -11.76 -11.84 -0.13
CA ARG A 104 -10.82 -11.42 0.91
C ARG A 104 -10.36 -12.46 1.93
N PRO A 105 -11.26 -13.27 2.58
CA PRO A 105 -10.74 -14.28 3.52
C PRO A 105 -9.90 -15.40 2.87
N MET A 106 -10.19 -15.77 1.61
CA MET A 106 -9.40 -16.76 0.87
C MET A 106 -7.97 -16.20 0.63
N LEU A 107 -7.87 -14.90 0.22
CA LEU A 107 -6.58 -14.24 0.03
C LEU A 107 -5.79 -14.17 1.34
N GLN A 108 -6.46 -13.85 2.46
CA GLN A 108 -5.87 -13.78 3.82
C GLN A 108 -5.21 -15.11 4.20
N ALA A 109 -5.88 -16.23 3.90
CA ALA A 109 -5.38 -17.56 4.19
C ALA A 109 -4.12 -17.84 3.34
N ALA A 110 -4.16 -17.47 2.03
CA ALA A 110 -3.01 -17.65 1.15
C ALA A 110 -1.83 -16.82 1.64
N LEU A 111 -2.11 -15.61 2.16
CA LEU A 111 -1.10 -14.71 2.72
C LEU A 111 -0.47 -15.30 3.98
N MET A 112 -1.28 -15.88 4.86
CA MET A 112 -0.82 -16.51 6.10
C MET A 112 0.09 -17.72 5.81
N LEU A 113 -0.30 -18.57 4.85
CA LEU A 113 0.48 -19.74 4.46
C LEU A 113 1.85 -19.33 3.94
N ARG A 114 1.90 -18.33 3.04
CA ARG A 114 3.14 -17.78 2.49
C ARG A 114 4.05 -17.20 3.56
N LYS A 115 3.47 -16.51 4.56
CA LYS A 115 4.21 -15.91 5.68
C LYS A 115 4.84 -17.02 6.54
N LYS A 116 4.21 -18.21 6.55
CA LYS A 116 4.67 -19.40 7.26
C LYS A 116 5.66 -20.26 6.43
N GLY A 117 6.08 -19.78 5.27
CA GLY A 117 7.06 -20.47 4.43
C GLY A 117 6.52 -21.34 3.30
N PHE A 118 5.23 -21.22 2.99
CA PHE A 118 4.63 -21.97 1.88
C PHE A 118 4.87 -21.24 0.57
N THR A 119 5.04 -22.02 -0.52
CA THR A 119 5.15 -21.45 -1.86
C THR A 119 3.68 -21.40 -2.29
N THR A 120 3.21 -20.26 -2.83
CA THR A 120 1.80 -20.18 -3.20
C THR A 120 1.66 -19.89 -4.67
N ALA A 121 0.61 -20.40 -5.29
CA ALA A 121 0.36 -20.16 -6.70
C ALA A 121 -1.10 -20.09 -7.07
N ILE A 122 -1.39 -19.37 -8.16
CA ILE A 122 -2.70 -19.28 -8.74
C ILE A 122 -2.60 -20.08 -10.03
N LEU A 123 -3.49 -21.06 -10.19
CA LEU A 123 -3.60 -21.83 -11.42
C LEU A 123 -5.01 -21.58 -11.92
N THR A 124 -5.14 -20.93 -13.07
CA THR A 124 -6.47 -20.55 -13.58
C THR A 124 -6.64 -20.77 -15.07
N ASN A 125 -7.88 -21.17 -15.46
CA ASN A 125 -8.32 -21.25 -16.84
C ASN A 125 -8.88 -19.88 -17.13
N THR A 126 -8.13 -19.08 -17.91
CA THR A 126 -8.51 -17.70 -18.22
C THR A 126 -8.34 -17.38 -19.70
N TRP A 127 -8.63 -16.14 -20.09
CA TRP A 127 -8.63 -15.73 -21.50
C TRP A 127 -7.79 -14.48 -21.74
N LEU A 128 -7.54 -14.19 -23.02
CA LEU A 128 -6.86 -12.98 -23.45
C LEU A 128 -7.96 -11.95 -23.65
N ASP A 129 -8.05 -11.01 -22.72
CA ASP A 129 -9.11 -10.00 -22.70
C ASP A 129 -8.74 -8.73 -23.41
N ASP A 130 -9.39 -8.52 -24.56
CA ASP A 130 -9.21 -7.36 -25.45
C ASP A 130 -10.49 -6.52 -25.52
N ARG A 131 -11.36 -6.63 -24.50
CA ARG A 131 -12.61 -5.88 -24.44
C ARG A 131 -12.28 -4.45 -24.11
N ALA A 132 -13.14 -3.50 -24.51
CA ALA A 132 -12.96 -2.09 -24.22
C ALA A 132 -12.90 -1.86 -22.71
N GLU A 133 -13.46 -2.81 -21.94
CA GLU A 133 -13.51 -2.76 -20.46
C GLU A 133 -12.51 -3.69 -19.77
N ARG A 134 -11.50 -4.20 -20.52
CA ARG A 134 -10.46 -5.11 -20.02
C ARG A 134 -9.69 -4.67 -18.76
N ASP A 135 -9.61 -3.35 -18.51
CA ASP A 135 -8.90 -2.78 -17.37
C ASP A 135 -9.39 -3.24 -16.00
N GLY A 136 -10.70 -3.40 -15.82
CA GLY A 136 -11.25 -3.88 -14.55
C GLY A 136 -10.65 -5.23 -14.18
N LEU A 137 -10.55 -6.15 -15.14
CA LEU A 137 -9.96 -7.47 -14.97
C LEU A 137 -8.45 -7.36 -14.76
N ALA A 138 -7.75 -6.48 -15.54
CA ALA A 138 -6.30 -6.28 -15.46
C ALA A 138 -5.95 -5.86 -14.06
N GLN A 139 -6.74 -4.92 -13.51
CA GLN A 139 -6.63 -4.37 -12.17
C GLN A 139 -6.78 -5.46 -11.11
N LEU A 140 -7.79 -6.36 -11.28
CA LEU A 140 -8.00 -7.46 -10.33
C LEU A 140 -6.80 -8.39 -10.34
N MET A 141 -6.33 -8.75 -11.55
CA MET A 141 -5.17 -9.65 -11.69
C MET A 141 -3.92 -9.06 -11.09
N CYS A 142 -3.63 -7.76 -11.37
CA CYS A 142 -2.45 -7.08 -10.84
C CYS A 142 -2.47 -7.11 -9.31
N GLU A 143 -3.63 -6.80 -8.69
CA GLU A 143 -3.76 -6.82 -7.24
C GLU A 143 -3.51 -8.21 -6.65
N LEU A 144 -4.22 -9.24 -7.16
CA LEU A 144 -4.08 -10.59 -6.67
C LEU A 144 -2.68 -11.17 -6.82
N LYS A 145 -2.10 -11.07 -8.03
CA LYS A 145 -0.83 -11.70 -8.40
C LYS A 145 0.39 -11.41 -7.58
N MET A 146 0.51 -10.15 -7.09
N MET A 146 0.54 -10.16 -7.10
CA MET A 146 1.61 -9.64 -6.26
CA MET A 146 1.72 -9.75 -6.33
C MET A 146 1.81 -10.43 -4.97
C MET A 146 1.81 -10.37 -4.93
N HIS A 147 0.72 -11.03 -4.46
CA HIS A 147 0.65 -11.77 -3.19
C HIS A 147 1.05 -13.24 -3.32
N PHE A 148 1.32 -13.70 -4.55
CA PHE A 148 1.64 -15.10 -4.82
C PHE A 148 3.00 -15.28 -5.49
N ASP A 149 3.60 -16.47 -5.29
CA ASP A 149 4.89 -16.79 -5.91
C ASP A 149 4.76 -17.00 -7.41
N PHE A 150 3.64 -17.60 -7.85
CA PHE A 150 3.41 -17.87 -9.25
C PHE A 150 1.95 -17.64 -9.66
N LEU A 151 1.76 -17.20 -10.90
CA LEU A 151 0.45 -17.08 -11.53
C LEU A 151 0.54 -17.87 -12.82
N ILE A 152 -0.22 -18.95 -12.92
CA ILE A 152 -0.22 -19.78 -14.13
C ILE A 152 -1.56 -19.63 -14.79
N GLU A 153 -1.57 -19.09 -16.00
CA GLU A 153 -2.77 -18.80 -16.78
C GLU A 153 -2.80 -19.70 -17.97
N SER A 154 -3.93 -20.37 -18.18
CA SER A 154 -4.13 -21.31 -19.27
C SER A 154 -3.82 -20.71 -20.63
N CYS A 155 -4.36 -19.50 -20.91
CA CYS A 155 -4.20 -18.80 -22.18
C CYS A 155 -2.75 -18.41 -22.49
N GLN A 156 -1.87 -18.45 -21.48
CA GLN A 156 -0.46 -18.13 -21.67
C GLN A 156 0.38 -19.39 -21.85
N VAL A 157 0.04 -20.46 -21.11
CA VAL A 157 0.73 -21.74 -21.18
C VAL A 157 0.21 -22.69 -22.29
N GLY A 158 -0.88 -22.30 -22.95
CA GLY A 158 -1.51 -23.05 -24.05
C GLY A 158 -2.08 -24.40 -23.68
N MET A 159 -2.29 -24.61 -22.37
CA MET A 159 -2.79 -25.83 -21.77
C MET A 159 -4.00 -25.47 -20.93
N VAL A 160 -4.84 -26.46 -20.61
CA VAL A 160 -6.07 -26.18 -19.87
C VAL A 160 -6.36 -27.20 -18.75
N LYS A 161 -7.04 -26.78 -17.67
CA LYS A 161 -7.53 -27.71 -16.66
C LYS A 161 -8.80 -28.29 -17.32
N PRO A 162 -9.04 -29.61 -17.37
CA PRO A 162 -8.38 -30.71 -16.63
C PRO A 162 -7.24 -31.50 -17.29
N GLU A 163 -6.68 -31.02 -18.43
CA GLU A 163 -5.60 -31.75 -19.13
C GLU A 163 -4.44 -32.09 -18.18
N PRO A 164 -3.92 -33.33 -18.19
CA PRO A 164 -2.87 -33.70 -17.21
C PRO A 164 -1.57 -32.90 -17.30
N GLN A 165 -1.20 -32.45 -18.51
CA GLN A 165 0.01 -31.65 -18.80
C GLN A 165 0.11 -30.39 -17.93
N ILE A 166 -1.02 -29.69 -17.71
CA ILE A 166 -1.02 -28.48 -16.88
C ILE A 166 -0.62 -28.77 -15.41
N TYR A 167 -1.00 -29.95 -14.87
CA TYR A 167 -0.68 -30.34 -13.50
C TYR A 167 0.80 -30.67 -13.36
N LYS A 168 1.37 -31.34 -14.40
CA LYS A 168 2.79 -31.66 -14.45
C LYS A 168 3.60 -30.36 -14.57
N PHE A 169 3.08 -29.40 -15.38
CA PHE A 169 3.68 -28.08 -15.52
C PHE A 169 3.67 -27.38 -14.15
N LEU A 170 2.51 -27.36 -13.47
CA LEU A 170 2.38 -26.76 -12.13
C LEU A 170 3.43 -27.32 -11.15
N LEU A 171 3.54 -28.66 -11.07
CA LEU A 171 4.50 -29.32 -10.17
C LEU A 171 5.94 -28.93 -10.49
N ASP A 172 6.27 -28.83 -11.78
CA ASP A 172 7.59 -28.42 -12.26
C ASP A 172 7.89 -26.97 -11.87
N THR A 173 6.92 -26.04 -12.05
CA THR A 173 7.14 -24.66 -11.62
C THR A 173 7.24 -24.50 -10.12
N LEU A 174 6.52 -25.34 -9.36
CA LEU A 174 6.58 -25.32 -7.90
C LEU A 174 7.86 -25.95 -7.36
N LYS A 175 8.48 -26.89 -8.13
CA LYS A 175 9.66 -27.69 -7.75
C LYS A 175 9.31 -28.49 -6.49
N ALA A 176 8.12 -29.09 -6.52
CA ALA A 176 7.54 -29.84 -5.42
C ALA A 176 6.94 -31.14 -5.90
N SER A 177 7.04 -32.18 -5.06
CA SER A 177 6.42 -33.47 -5.35
C SER A 177 4.93 -33.34 -5.03
N PRO A 178 4.02 -34.02 -5.76
CA PRO A 178 2.58 -33.84 -5.51
C PRO A 178 2.11 -33.87 -4.06
N SER A 179 2.66 -34.77 -3.23
CA SER A 179 2.28 -34.90 -1.81
C SER A 179 2.56 -33.66 -0.94
N GLU A 180 3.41 -32.75 -1.43
CA GLU A 180 3.77 -31.49 -0.76
C GLU A 180 2.79 -30.34 -1.13
N VAL A 181 1.77 -30.62 -1.96
CA VAL A 181 0.86 -29.61 -2.51
C VAL A 181 -0.62 -29.76 -2.17
N VAL A 182 -1.22 -28.67 -1.64
CA VAL A 182 -2.65 -28.53 -1.44
C VAL A 182 -3.10 -27.83 -2.69
N PHE A 183 -4.20 -28.28 -3.26
CA PHE A 183 -4.79 -27.73 -4.45
C PHE A 183 -6.24 -27.42 -4.13
N LEU A 184 -6.67 -26.16 -4.29
CA LEU A 184 -8.04 -25.72 -4.00
C LEU A 184 -8.73 -25.31 -5.29
N ASP A 185 -9.87 -25.93 -5.59
CA ASP A 185 -10.63 -25.66 -6.81
C ASP A 185 -12.13 -25.81 -6.53
N ASP A 186 -12.98 -25.07 -7.24
CA ASP A 186 -14.43 -25.15 -7.08
C ASP A 186 -15.06 -26.14 -8.08
N ILE A 187 -14.27 -26.63 -9.06
CA ILE A 187 -14.75 -27.57 -10.07
C ILE A 187 -14.13 -28.95 -9.80
N GLY A 188 -14.99 -29.92 -9.47
CA GLY A 188 -14.58 -31.28 -9.13
C GLY A 188 -13.76 -31.97 -10.20
N ALA A 189 -14.12 -31.76 -11.46
CA ALA A 189 -13.41 -32.35 -12.60
C ALA A 189 -11.99 -31.81 -12.73
N ASN A 190 -11.77 -30.54 -12.31
CA ASN A 190 -10.45 -29.91 -12.37
C ASN A 190 -9.59 -30.25 -11.16
N LEU A 191 -10.22 -30.79 -10.11
CA LEU A 191 -9.57 -31.23 -8.87
C LEU A 191 -8.96 -32.62 -9.05
N LYS A 192 -9.73 -33.54 -9.67
CA LYS A 192 -9.40 -34.94 -9.90
C LYS A 192 -7.99 -35.21 -10.44
N PRO A 193 -7.47 -34.56 -11.52
CA PRO A 193 -6.10 -34.89 -11.96
C PRO A 193 -5.07 -34.59 -10.89
N ALA A 194 -5.31 -33.54 -10.04
CA ALA A 194 -4.40 -33.23 -8.93
C ALA A 194 -4.51 -34.33 -7.90
N ARG A 195 -5.74 -34.85 -7.65
CA ARG A 195 -5.96 -35.96 -6.73
C ARG A 195 -5.27 -37.23 -7.23
N ASP A 196 -5.47 -37.59 -8.53
CA ASP A 196 -4.85 -38.77 -9.18
C ASP A 196 -3.33 -38.78 -9.02
N LEU A 197 -2.70 -37.59 -9.09
CA LEU A 197 -1.26 -37.42 -8.93
C LEU A 197 -0.81 -37.54 -7.46
N GLY A 198 -1.77 -37.50 -6.53
CA GLY A 198 -1.50 -37.62 -5.09
C GLY A 198 -1.45 -36.34 -4.29
N MET A 199 -1.85 -35.20 -4.92
CA MET A 199 -1.89 -33.91 -4.22
C MET A 199 -3.07 -33.88 -3.27
N VAL A 200 -2.96 -33.11 -2.16
CA VAL A 200 -4.09 -32.89 -1.26
C VAL A 200 -4.99 -31.95 -2.03
N THR A 201 -6.27 -32.25 -2.07
CA THR A 201 -7.22 -31.46 -2.84
C THR A 201 -8.36 -31.00 -1.96
N ILE A 202 -8.92 -29.84 -2.27
CA ILE A 202 -10.05 -29.28 -1.55
C ILE A 202 -11.10 -28.82 -2.54
N LEU A 203 -12.30 -29.41 -2.46
CA LEU A 203 -13.40 -28.95 -3.28
C LEU A 203 -13.93 -27.77 -2.52
N VAL A 204 -14.00 -26.61 -3.19
CA VAL A 204 -14.42 -25.36 -2.57
C VAL A 204 -15.84 -25.03 -2.99
N GLN A 205 -16.76 -24.99 -2.01
CA GLN A 205 -18.13 -24.56 -2.23
C GLN A 205 -18.22 -23.23 -1.45
N ASP A 206 -18.46 -23.29 -0.13
CA ASP A 206 -18.44 -22.09 0.71
C ASP A 206 -17.01 -21.92 1.23
N THR A 207 -16.57 -20.66 1.35
CA THR A 207 -15.21 -20.32 1.81
C THR A 207 -14.83 -20.90 3.17
N ASP A 208 -15.70 -20.76 4.20
CA ASP A 208 -15.49 -21.22 5.58
C ASP A 208 -15.11 -22.70 5.68
N THR A 209 -15.89 -23.59 5.03
CA THR A 209 -15.65 -25.05 5.02
C THR A 209 -14.30 -25.32 4.34
N ALA A 210 -14.06 -24.67 3.19
CA ALA A 210 -12.81 -24.78 2.43
C ALA A 210 -11.61 -24.42 3.29
N LEU A 211 -11.71 -23.30 4.07
CA LEU A 211 -10.66 -22.86 4.97
C LEU A 211 -10.49 -23.76 6.18
N LYS A 212 -11.57 -24.42 6.62
CA LYS A 212 -11.57 -25.38 7.74
C LYS A 212 -10.77 -26.61 7.32
N GLU A 213 -11.01 -27.07 6.09
CA GLU A 213 -10.32 -28.19 5.45
C GLU A 213 -8.85 -27.83 5.28
N LEU A 214 -8.57 -26.58 4.88
CA LEU A 214 -7.20 -26.08 4.70
C LEU A 214 -6.41 -26.00 6.00
N GLU A 215 -7.01 -25.56 7.13
CA GLU A 215 -6.26 -25.51 8.39
C GLU A 215 -6.01 -26.87 9.01
N LYS A 216 -6.97 -27.80 8.85
CA LYS A 216 -6.84 -29.18 9.32
C LYS A 216 -5.65 -29.83 8.58
N VAL A 217 -5.61 -29.65 7.26
CA VAL A 217 -4.58 -30.20 6.38
C VAL A 217 -3.17 -29.59 6.53
N THR A 218 -3.07 -28.25 6.75
CA THR A 218 -1.78 -27.55 6.92
C THR A 218 -1.32 -27.50 8.37
N GLY A 219 -2.27 -27.55 9.31
CA GLY A 219 -1.97 -27.46 10.72
C GLY A 219 -1.70 -26.03 11.18
N ILE A 220 -2.02 -25.06 10.29
CA ILE A 220 -1.85 -23.61 10.47
C ILE A 220 -3.24 -22.98 10.62
N GLN A 221 -3.43 -22.14 11.65
CA GLN A 221 -4.70 -21.46 11.85
C GLN A 221 -4.91 -20.37 10.77
N LEU A 222 -6.02 -20.48 10.05
CA LEU A 222 -6.31 -19.57 8.96
C LEU A 222 -7.68 -18.95 9.16
N LEU A 223 -8.50 -19.60 9.97
CA LEU A 223 -9.86 -19.16 10.24
C LEU A 223 -9.93 -18.47 11.59
N ASN A 224 -10.72 -17.39 11.68
CA ASN A 224 -10.95 -16.60 12.91
C ASN A 224 -9.68 -15.94 13.43
N THR A 225 -8.69 -15.76 12.54
CA THR A 225 -7.38 -15.20 12.81
C THR A 225 -7.41 -13.67 13.09
N PRO A 226 -6.40 -13.06 13.79
CA PRO A 226 -6.45 -11.60 14.01
C PRO A 226 -6.43 -10.80 12.68
N ALA A 227 -6.84 -9.53 12.74
CA ALA A 227 -6.81 -8.67 11.55
C ALA A 227 -5.34 -8.52 11.09
N PRO A 228 -4.98 -8.90 9.85
CA PRO A 228 -3.56 -8.78 9.45
C PRO A 228 -3.15 -7.32 9.22
N LEU A 229 -1.84 -7.06 9.19
CA LEU A 229 -1.32 -5.71 8.94
C LEU A 229 -1.50 -5.41 7.44
N PRO A 230 -1.62 -4.12 7.02
CA PRO A 230 -1.73 -3.84 5.57
C PRO A 230 -0.48 -4.34 4.85
N THR A 231 -0.53 -4.47 3.50
CA THR A 231 0.62 -4.91 2.72
C THR A 231 1.79 -3.95 2.92
N SER A 232 3.00 -4.47 3.12
CA SER A 232 4.18 -3.63 3.31
C SER A 232 4.96 -3.54 1.96
N CYS A 233 6.15 -2.92 1.96
CA CYS A 233 6.97 -2.76 0.75
C CYS A 233 8.24 -3.51 0.90
N ASN A 234 8.65 -4.27 -0.13
CA ASN A 234 9.97 -4.90 -0.16
C ASN A 234 10.81 -3.89 -0.95
N PRO A 235 11.79 -3.18 -0.32
CA PRO A 235 12.54 -2.12 -1.04
C PRO A 235 13.05 -2.44 -2.43
N SER A 236 13.50 -3.67 -2.65
CA SER A 236 14.05 -4.13 -3.92
C SER A 236 13.02 -4.40 -5.02
N ASP A 237 11.72 -4.41 -4.66
CA ASP A 237 10.65 -4.63 -5.64
C ASP A 237 9.97 -3.33 -6.03
N MET A 238 10.47 -2.20 -5.52
CA MET A 238 9.84 -0.89 -5.80
C MET A 238 10.49 -0.22 -7.01
N SER A 239 9.78 0.75 -7.62
CA SER A 239 10.33 1.59 -8.69
C SER A 239 10.99 2.73 -7.94
N HIS A 240 12.30 2.96 -8.16
CA HIS A 240 13.04 4.01 -7.49
C HIS A 240 13.31 5.14 -8.47
N GLY A 241 12.95 6.35 -8.06
CA GLY A 241 13.11 7.54 -8.88
C GLY A 241 14.09 8.55 -8.32
N TYR A 242 14.76 9.27 -9.23
CA TYR A 242 15.79 10.24 -8.87
C TYR A 242 15.68 11.49 -9.72
N VAL A 243 15.60 12.65 -9.08
CA VAL A 243 15.48 13.96 -9.73
C VAL A 243 16.55 14.89 -9.16
N THR A 244 17.37 15.48 -10.02
CA THR A 244 18.34 16.48 -9.59
C THR A 244 17.57 17.80 -9.56
N VAL A 245 17.45 18.41 -8.36
CA VAL A 245 16.72 19.67 -8.18
C VAL A 245 17.64 20.88 -8.36
N LYS A 246 18.93 20.70 -8.12
CA LYS A 246 19.98 21.71 -8.34
C LYS A 246 21.32 21.02 -8.44
N PRO A 247 22.40 21.67 -8.99
CA PRO A 247 23.69 20.97 -9.17
C PRO A 247 24.16 20.02 -8.09
N ARG A 248 24.09 20.39 -6.82
CA ARG A 248 24.59 19.47 -5.79
C ARG A 248 23.49 18.60 -5.10
N VAL A 249 22.20 18.86 -5.42
CA VAL A 249 21.09 18.18 -4.74
C VAL A 249 20.22 17.31 -5.66
N ARG A 250 20.11 16.03 -5.30
CA ARG A 250 19.22 15.08 -5.97
C ARG A 250 18.21 14.51 -4.95
N LEU A 251 16.93 14.34 -5.36
CA LEU A 251 15.95 13.75 -4.45
C LEU A 251 15.56 12.38 -4.94
N HIS A 252 15.59 11.41 -4.02
CA HIS A 252 15.15 10.06 -4.30
C HIS A 252 13.72 9.86 -3.79
N PHE A 253 12.95 9.03 -4.50
CA PHE A 253 11.59 8.68 -4.14
C PHE A 253 11.29 7.28 -4.63
N VAL A 254 10.27 6.69 -4.06
CA VAL A 254 9.74 5.39 -4.43
C VAL A 254 8.38 5.70 -5.01
N GLU A 255 8.03 5.03 -6.10
CA GLU A 255 6.81 5.36 -6.83
C GLU A 255 5.95 4.16 -7.09
N LEU A 256 4.64 4.28 -6.82
CA LEU A 256 3.72 3.18 -7.05
C LEU A 256 2.32 3.67 -7.38
N GLY A 257 1.74 3.07 -8.40
CA GLY A 257 0.36 3.35 -8.80
C GLY A 257 0.14 4.39 -9.86
N SER A 258 -1.14 4.59 -10.20
CA SER A 258 -1.60 5.53 -11.20
C SER A 258 -2.74 6.32 -10.66
N GLY A 259 -2.87 7.56 -11.13
CA GLY A 259 -3.94 8.46 -10.71
C GLY A 259 -3.39 9.75 -10.16
N PRO A 260 -4.18 10.51 -9.36
CA PRO A 260 -3.66 11.78 -8.82
C PRO A 260 -2.40 11.57 -8.00
N ALA A 261 -1.39 12.45 -8.19
CA ALA A 261 -0.12 12.34 -7.47
C ALA A 261 -0.26 12.66 -6.00
N VAL A 262 0.26 11.75 -5.15
CA VAL A 262 0.25 11.87 -3.70
C VAL A 262 1.69 11.82 -3.23
N CYS A 263 2.21 12.94 -2.77
CA CYS A 263 3.59 13.04 -2.32
C CYS A 263 3.71 12.89 -0.79
N LEU A 264 4.34 11.80 -0.34
CA LEU A 264 4.49 11.46 1.09
C LEU A 264 5.80 11.98 1.65
N CYS A 265 5.73 12.77 2.71
CA CYS A 265 6.87 13.43 3.32
C CYS A 265 7.11 13.00 4.79
N HIS A 266 8.15 12.18 5.04
CA HIS A 266 8.50 11.66 6.36
C HIS A 266 9.06 12.71 7.32
N GLY A 267 9.20 12.31 8.59
CA GLY A 267 9.77 13.16 9.61
C GLY A 267 11.18 12.76 10.01
N PHE A 268 11.56 13.14 11.21
CA PHE A 268 12.88 12.89 11.76
C PHE A 268 12.87 11.76 12.76
N PRO A 269 13.87 10.84 12.74
CA PRO A 269 14.94 10.62 11.75
C PRO A 269 14.47 9.46 10.90
N GLU A 270 13.73 9.74 9.82
CA GLU A 270 13.10 8.64 9.11
C GLU A 270 13.55 8.33 7.67
N SER A 271 12.60 7.89 6.83
CA SER A 271 12.89 7.40 5.48
C SER A 271 11.60 7.35 4.68
N TRP A 272 11.70 7.07 3.37
CA TRP A 272 10.52 6.78 2.53
C TRP A 272 9.81 5.54 3.10
N TYR A 273 10.61 4.58 3.65
CA TYR A 273 10.18 3.29 4.19
C TYR A 273 9.25 3.44 5.38
N SER A 274 9.23 4.63 6.00
CA SER A 274 8.30 4.93 7.10
C SER A 274 6.84 4.88 6.60
N TRP A 275 6.64 4.97 5.26
CA TRP A 275 5.33 4.92 4.59
C TRP A 275 5.03 3.54 4.02
N ARG A 276 5.86 2.53 4.35
CA ARG A 276 5.73 1.18 3.79
C ARG A 276 4.32 0.58 3.81
N TYR A 277 3.52 0.80 4.88
CA TYR A 277 2.15 0.28 4.98
C TYR A 277 1.15 1.14 4.19
N GLN A 278 1.51 2.41 3.88
CA GLN A 278 0.63 3.33 3.15
C GLN A 278 0.75 3.18 1.64
N ILE A 279 1.97 3.01 1.12
CA ILE A 279 2.26 2.92 -0.32
C ILE A 279 1.36 1.94 -1.08
N PRO A 280 1.40 0.60 -0.78
CA PRO A 280 0.52 -0.32 -1.51
C PRO A 280 -0.95 0.03 -1.38
N ALA A 281 -1.43 0.41 -0.16
CA ALA A 281 -2.85 0.77 0.05
C ALA A 281 -3.29 1.99 -0.74
N LEU A 282 -2.49 3.07 -0.76
CA LEU A 282 -2.88 4.29 -1.50
C LEU A 282 -2.89 4.05 -2.99
N ALA A 283 -1.94 3.26 -3.52
CA ALA A 283 -1.91 2.91 -4.96
C ALA A 283 -3.12 2.07 -5.33
N GLN A 284 -3.46 1.09 -4.46
CA GLN A 284 -4.63 0.21 -4.65
C GLN A 284 -5.92 1.05 -4.66
N ALA A 285 -5.94 2.18 -3.93
CA ALA A 285 -7.05 3.12 -3.85
C ALA A 285 -7.22 4.07 -5.03
N GLY A 286 -6.30 4.01 -5.99
CA GLY A 286 -6.38 4.80 -7.22
C GLY A 286 -5.52 6.05 -7.26
N TYR A 287 -4.37 6.03 -6.57
CA TYR A 287 -3.46 7.15 -6.52
C TYR A 287 -2.04 6.81 -6.95
N ARG A 288 -1.31 7.82 -7.41
CA ARG A 288 0.09 7.69 -7.82
C ARG A 288 0.89 8.14 -6.63
N VAL A 289 1.51 7.20 -5.93
CA VAL A 289 2.23 7.52 -4.71
C VAL A 289 3.69 7.86 -4.98
N LEU A 290 4.17 8.98 -4.45
CA LEU A 290 5.57 9.36 -4.53
C LEU A 290 6.07 9.50 -3.10
N ALA A 291 6.77 8.47 -2.60
CA ALA A 291 7.27 8.48 -1.21
C ALA A 291 8.70 8.97 -1.22
N MET A 292 8.93 10.17 -0.69
CA MET A 292 10.24 10.79 -0.69
C MET A 292 11.20 10.27 0.35
N ASP A 293 12.48 10.40 0.02
CA ASP A 293 13.58 10.37 0.96
C ASP A 293 13.76 11.90 1.04
N MET A 294 13.47 12.48 2.19
CA MET A 294 13.59 13.94 2.32
C MET A 294 15.05 14.36 2.26
N LYS A 295 15.31 15.64 1.94
CA LYS A 295 16.69 16.12 1.86
C LYS A 295 17.44 15.80 3.15
N GLY A 296 18.61 15.18 3.00
CA GLY A 296 19.43 14.77 4.12
C GLY A 296 19.32 13.30 4.46
N TYR A 297 18.42 12.58 3.79
CA TYR A 297 18.06 11.20 4.10
C TYR A 297 18.24 10.21 2.96
N GLY A 298 18.51 8.97 3.36
CA GLY A 298 18.61 7.79 2.50
C GLY A 298 19.39 8.03 1.22
N GLU A 299 18.73 7.82 0.09
CA GLU A 299 19.36 8.02 -1.20
C GLU A 299 19.27 9.47 -1.75
N SER A 300 18.69 10.42 -0.97
CA SER A 300 18.64 11.84 -1.36
C SER A 300 19.93 12.51 -0.96
N SER A 301 20.25 13.64 -1.57
CA SER A 301 21.49 14.35 -1.24
C SER A 301 21.44 14.91 0.17
N ALA A 302 22.60 14.92 0.82
CA ALA A 302 22.75 15.48 2.17
C ALA A 302 23.91 16.46 2.20
N PRO A 303 23.75 17.69 1.66
CA PRO A 303 24.84 18.67 1.76
C PRO A 303 25.09 19.04 3.22
N PRO A 304 26.33 19.40 3.60
CA PRO A 304 26.61 19.66 5.03
C PRO A 304 26.10 20.98 5.62
N GLU A 305 25.97 22.03 4.81
CA GLU A 305 25.61 23.39 5.23
C GLU A 305 24.25 23.47 5.91
N ILE A 306 24.16 24.21 7.02
CA ILE A 306 22.90 24.38 7.78
C ILE A 306 21.77 24.99 6.95
N GLU A 307 22.06 26.10 6.23
CA GLU A 307 21.15 26.89 5.39
C GLU A 307 20.48 26.07 4.28
N GLU A 308 21.08 24.93 3.91
CA GLU A 308 20.52 24.04 2.90
C GLU A 308 19.21 23.37 3.41
N TYR A 309 18.94 23.52 4.70
CA TYR A 309 17.81 22.86 5.37
C TYR A 309 16.77 23.81 5.96
N CYS A 310 16.85 25.11 5.65
CA CYS A 310 15.81 26.04 6.08
C CYS A 310 14.53 25.74 5.27
N MET A 311 13.35 25.92 5.87
CA MET A 311 12.07 25.61 5.24
C MET A 311 11.92 26.19 3.83
N GLU A 312 12.33 27.46 3.63
CA GLU A 312 12.23 28.16 2.33
C GLU A 312 12.94 27.40 1.20
N VAL A 313 14.17 26.95 1.46
CA VAL A 313 14.96 26.19 0.51
C VAL A 313 14.34 24.79 0.31
N LEU A 314 13.94 24.13 1.40
CA LEU A 314 13.30 22.80 1.33
C LEU A 314 12.03 22.83 0.48
N CYS A 315 11.18 23.85 0.69
CA CYS A 315 9.94 24.01 -0.07
C CYS A 315 10.19 24.32 -1.56
N LYS A 316 11.18 25.20 -1.86
CA LYS A 316 11.57 25.59 -3.23
C LYS A 316 12.04 24.36 -4.01
N GLU A 317 12.81 23.47 -3.34
CA GLU A 317 13.29 22.24 -3.99
C GLU A 317 12.16 21.27 -4.28
N MET A 318 11.15 21.20 -3.38
CA MET A 318 9.98 20.31 -3.58
C MET A 318 9.14 20.77 -4.80
N VAL A 319 9.07 22.09 -5.03
CA VAL A 319 8.41 22.72 -6.20
C VAL A 319 9.24 22.35 -7.44
N THR A 320 10.58 22.45 -7.33
CA THR A 320 11.47 22.08 -8.44
C THR A 320 11.29 20.61 -8.79
N PHE A 321 11.13 19.76 -7.75
CA PHE A 321 10.88 18.33 -7.88
C PHE A 321 9.62 18.12 -8.73
N LEU A 322 8.53 18.84 -8.40
CA LEU A 322 7.29 18.77 -9.18
C LEU A 322 7.52 19.25 -10.63
N ASP A 323 8.28 20.35 -10.80
CA ASP A 323 8.61 20.94 -12.13
C ASP A 323 9.30 19.91 -13.03
N LYS A 324 10.36 19.28 -12.50
CA LYS A 324 11.15 18.33 -13.26
C LYS A 324 10.46 17.02 -13.59
N LEU A 325 9.50 16.60 -12.76
CA LEU A 325 8.72 15.37 -12.99
C LEU A 325 7.54 15.65 -13.91
N GLY A 326 7.27 16.92 -14.13
CA GLY A 326 6.21 17.43 -14.98
C GLY A 326 4.86 17.40 -14.33
N LEU A 327 4.80 17.73 -13.02
CA LEU A 327 3.55 17.66 -12.27
C LEU A 327 3.13 19.06 -11.90
N SER A 328 1.93 19.47 -12.30
CA SER A 328 1.43 20.82 -11.99
C SER A 328 1.03 20.88 -10.51
N GLN A 329 0.58 19.74 -9.94
CA GLN A 329 0.20 19.59 -8.53
C GLN A 329 0.49 18.19 -7.99
N ALA A 330 0.43 18.06 -6.66
CA ALA A 330 0.42 16.80 -5.93
C ALA A 330 -0.30 17.08 -4.66
N VAL A 331 -0.91 16.06 -4.05
CA VAL A 331 -1.43 16.24 -2.71
C VAL A 331 -0.24 15.97 -1.77
N PHE A 332 -0.02 16.86 -0.82
CA PHE A 332 1.08 16.71 0.10
C PHE A 332 0.63 16.19 1.46
N ILE A 333 1.12 15.00 1.81
CA ILE A 333 0.85 14.32 3.09
C ILE A 333 2.17 14.20 3.81
N GLY A 334 2.26 14.81 4.98
CA GLY A 334 3.46 14.81 5.78
C GLY A 334 3.28 14.29 7.19
N HIS A 335 4.36 13.81 7.80
CA HIS A 335 4.37 13.36 9.21
C HIS A 335 5.57 14.02 9.86
N ASP A 336 5.39 14.55 11.09
CA ASP A 336 6.49 15.12 11.88
C ASP A 336 7.13 16.33 11.17
N TRP A 337 8.47 16.33 10.87
CA TRP A 337 9.08 17.44 10.14
C TRP A 337 8.46 17.57 8.73
N GLY A 338 8.08 16.43 8.14
CA GLY A 338 7.38 16.39 6.85
C GLY A 338 6.03 17.07 6.92
N GLY A 339 5.36 16.96 8.07
CA GLY A 339 4.07 17.62 8.33
C GLY A 339 4.26 19.11 8.42
N MET A 340 5.39 19.55 8.98
CA MET A 340 5.68 20.99 9.03
C MET A 340 5.91 21.53 7.61
N LEU A 341 6.67 20.79 6.77
CA LEU A 341 6.97 21.23 5.40
C LEU A 341 5.68 21.35 4.58
N VAL A 342 4.79 20.41 4.78
CA VAL A 342 3.51 20.27 4.12
C VAL A 342 2.57 21.48 4.36
N TRP A 343 2.48 21.99 5.60
CA TRP A 343 1.71 23.21 5.89
C TRP A 343 2.31 24.40 5.19
N TYR A 344 3.64 24.53 5.19
CA TYR A 344 4.33 25.61 4.51
C TYR A 344 4.22 25.53 2.97
N MET A 345 4.14 24.30 2.41
CA MET A 345 3.89 24.10 0.96
C MET A 345 2.51 24.71 0.61
N ALA A 346 1.51 24.48 1.44
CA ALA A 346 0.15 25.00 1.27
C ALA A 346 0.12 26.53 1.40
N LEU A 347 0.90 27.11 2.32
CA LEU A 347 0.93 28.57 2.58
C LEU A 347 1.65 29.38 1.54
N PHE A 348 2.70 28.80 0.92
CA PHE A 348 3.55 29.52 -0.02
C PHE A 348 3.36 29.09 -1.45
N TYR A 349 2.93 27.86 -1.70
CA TYR A 349 2.75 27.36 -3.06
C TYR A 349 1.36 26.68 -3.21
N PRO A 350 0.25 27.39 -2.87
CA PRO A 350 -1.08 26.75 -2.97
C PRO A 350 -1.48 26.27 -4.35
N GLU A 351 -0.97 26.90 -5.43
N GLU A 351 -0.94 26.91 -5.42
CA GLU A 351 -1.29 26.46 -6.80
CA GLU A 351 -1.21 26.50 -6.80
C GLU A 351 -0.72 25.10 -7.14
C GLU A 351 -0.67 25.10 -7.14
N ARG A 352 0.31 24.66 -6.39
N ARG A 352 0.37 24.68 -6.43
CA ARG A 352 1.00 23.39 -6.58
CA ARG A 352 1.05 23.39 -6.63
C ARG A 352 0.56 22.28 -5.64
C ARG A 352 0.62 22.30 -5.63
N VAL A 353 -0.27 22.66 -4.67
CA VAL A 353 -0.76 21.72 -3.66
C VAL A 353 -2.22 21.44 -3.90
N ARG A 354 -2.51 20.21 -4.35
CA ARG A 354 -3.88 19.76 -4.64
C ARG A 354 -4.71 19.73 -3.35
N ALA A 355 -4.12 19.20 -2.30
CA ALA A 355 -4.68 19.08 -0.97
C ALA A 355 -3.50 18.87 -0.03
N VAL A 356 -3.72 19.13 1.25
CA VAL A 356 -2.68 19.01 2.27
C VAL A 356 -3.16 18.20 3.47
N ALA A 357 -2.34 17.23 3.95
CA ALA A 357 -2.68 16.46 5.13
C ALA A 357 -1.45 16.25 6.02
N SER A 358 -1.64 16.39 7.34
CA SER A 358 -0.58 16.16 8.29
C SER A 358 -0.95 15.17 9.38
N LEU A 359 0.00 14.31 9.71
CA LEU A 359 -0.09 13.35 10.78
C LEU A 359 0.72 13.94 11.91
N ASN A 360 0.07 14.17 13.06
CA ASN A 360 0.66 14.65 14.31
C ASN A 360 1.04 16.09 14.36
N THR A 361 1.75 16.60 13.33
CA THR A 361 2.23 17.98 13.30
C THR A 361 1.11 18.96 13.06
N PRO A 362 0.84 19.85 14.04
CA PRO A 362 -0.18 20.87 13.81
C PRO A 362 0.39 22.03 12.99
N PHE A 363 -0.49 22.90 12.47
CA PHE A 363 -0.02 24.11 11.86
C PHE A 363 0.03 25.15 12.97
N ILE A 364 1.23 25.65 13.29
CA ILE A 364 1.38 26.72 14.27
C ILE A 364 2.02 27.90 13.55
N PRO A 365 1.34 29.06 13.53
CA PRO A 365 1.90 30.23 12.85
C PRO A 365 3.08 30.79 13.63
N ALA A 366 3.88 31.64 13.00
CA ALA A 366 5.01 32.26 13.66
C ALA A 366 4.48 33.28 14.67
N ASN A 367 5.11 33.37 15.86
CA ASN A 367 4.71 34.39 16.83
C ASN A 367 5.63 35.60 16.56
N PRO A 368 5.11 36.73 16.02
CA PRO A 368 6.00 37.85 15.69
C PRO A 368 6.59 38.56 16.90
N ASN A 369 5.96 38.39 18.07
CA ASN A 369 6.35 39.05 19.32
C ASN A 369 7.26 38.17 20.20
N MET A 370 7.68 37.00 19.67
CA MET A 370 8.54 36.08 20.40
C MET A 370 9.54 35.37 19.51
N SER A 371 10.82 35.42 19.91
CA SER A 371 11.93 34.75 19.24
C SER A 371 11.72 33.24 19.33
N PRO A 372 12.18 32.42 18.35
CA PRO A 372 11.96 30.96 18.44
C PRO A 372 12.59 30.33 19.70
N LEU A 373 13.69 30.92 20.22
CA LEU A 373 14.36 30.51 21.46
C LEU A 373 13.42 30.75 22.64
N GLU A 374 12.81 31.96 22.72
CA GLU A 374 11.83 32.37 23.72
C GLU A 374 10.59 31.46 23.66
N SER A 375 10.27 30.92 22.48
CA SER A 375 9.13 30.03 22.30
C SER A 375 9.42 28.65 22.87
N ILE A 376 10.67 28.13 22.66
CA ILE A 376 11.13 26.84 23.22
C ILE A 376 11.18 26.97 24.77
N LYS A 377 11.36 28.22 25.28
CA LYS A 377 11.39 28.59 26.72
C LYS A 377 10.11 28.16 27.43
N ALA A 378 8.97 28.40 26.78
CA ALA A 378 7.66 28.04 27.27
C ALA A 378 7.49 26.53 27.40
N ASN A 379 7.83 25.73 26.33
CA ASN A 379 7.60 24.28 26.42
C ASN A 379 8.74 23.35 26.79
N PRO A 380 8.60 22.69 27.98
CA PRO A 380 9.63 21.74 28.42
C PRO A 380 9.78 20.57 27.44
N VAL A 381 8.68 20.28 26.71
CA VAL A 381 8.51 19.22 25.73
C VAL A 381 9.62 19.29 24.66
N PHE A 382 9.89 20.52 24.16
CA PHE A 382 10.82 20.85 23.09
C PHE A 382 12.25 21.17 23.52
N ASP A 383 12.63 20.80 24.77
CA ASP A 383 13.97 21.07 25.30
C ASP A 383 15.11 20.33 24.60
N TYR A 384 14.85 19.10 24.13
CA TYR A 384 15.82 18.29 23.37
C TYR A 384 16.28 19.01 22.06
N GLN A 385 15.47 19.95 21.53
CA GLN A 385 15.77 20.72 20.31
C GLN A 385 16.94 21.67 20.56
N LEU A 386 17.14 22.12 21.82
CA LEU A 386 18.27 22.97 22.21
C LEU A 386 19.55 22.12 22.15
N TYR A 387 19.44 20.82 22.50
CA TYR A 387 20.56 19.87 22.47
C TYR A 387 20.98 19.60 21.02
N PHE A 388 20.03 19.76 20.08
CA PHE A 388 20.25 19.55 18.65
C PHE A 388 20.91 20.74 17.99
N GLN A 389 21.01 21.88 18.68
CA GLN A 389 21.57 23.10 18.08
C GLN A 389 23.06 23.08 17.74
N GLU A 390 23.92 22.64 18.68
CA GLU A 390 25.37 22.62 18.50
C GLU A 390 25.83 21.58 17.49
N PRO A 391 26.37 22.01 16.32
CA PRO A 391 26.75 21.03 15.29
C PRO A 391 27.81 20.05 15.78
N GLY A 392 27.53 18.76 15.59
CA GLY A 392 28.44 17.69 15.95
C GLY A 392 28.06 16.90 17.18
N VAL A 393 27.43 17.55 18.15
CA VAL A 393 27.07 16.93 19.41
C VAL A 393 26.05 15.80 19.30
N ALA A 394 24.82 16.08 18.81
CA ALA A 394 23.80 15.03 18.67
C ALA A 394 24.19 14.02 17.61
N GLU A 395 24.92 14.46 16.54
CA GLU A 395 25.38 13.59 15.45
C GLU A 395 26.16 12.42 16.07
N ALA A 396 27.17 12.74 16.91
CA ALA A 396 28.02 11.77 17.61
C ALA A 396 27.23 10.75 18.38
N GLU A 397 26.27 11.19 19.22
CA GLU A 397 25.43 10.29 20.03
C GLU A 397 24.51 9.41 19.19
N LEU A 398 23.92 9.98 18.13
CA LEU A 398 22.99 9.24 17.28
C LEU A 398 23.71 8.29 16.32
N GLU A 399 24.92 8.68 15.85
CA GLU A 399 25.75 7.87 14.94
C GLU A 399 26.56 6.80 15.70
N GLN A 400 26.73 6.96 17.02
CA GLN A 400 27.51 6.05 17.88
C GLN A 400 27.12 4.58 17.67
N ASN A 401 25.83 4.28 17.77
CA ASN A 401 25.30 2.94 17.55
C ASN A 401 23.94 3.12 16.87
N LEU A 402 23.87 2.85 15.55
CA LEU A 402 22.67 3.01 14.73
C LEU A 402 21.52 2.12 15.13
N SER A 403 21.80 0.82 15.31
CA SER A 403 20.80 -0.16 15.72
C SER A 403 20.19 0.24 17.07
N ARG A 404 21.02 0.76 17.99
CA ARG A 404 20.56 1.25 19.29
C ARG A 404 19.67 2.48 19.08
N THR A 405 20.13 3.44 18.26
CA THR A 405 19.37 4.67 17.96
C THR A 405 17.93 4.40 17.51
N PHE A 406 17.76 3.56 16.47
CA PHE A 406 16.44 3.27 15.90
C PHE A 406 15.57 2.42 16.78
N LYS A 407 16.17 1.43 17.45
CA LYS A 407 15.45 0.58 18.39
C LYS A 407 14.93 1.37 19.59
N SER A 408 15.74 2.31 20.11
CA SER A 408 15.33 3.17 21.23
C SER A 408 14.24 4.14 20.80
N LEU A 409 14.31 4.69 19.56
CA LEU A 409 13.31 5.67 19.09
C LEU A 409 12.00 5.04 18.69
N PHE A 410 12.06 4.08 17.76
CA PHE A 410 10.87 3.48 17.17
C PHE A 410 10.17 2.50 18.09
N ARG A 411 9.38 3.04 19.05
CA ARG A 411 8.59 2.22 20.00
C ARG A 411 7.18 2.75 20.18
N ALA A 412 6.23 1.83 20.49
CA ALA A 412 4.83 2.16 20.77
C ALA A 412 4.73 2.88 22.13
N SER A 413 3.62 3.60 22.38
CA SER A 413 3.37 4.42 23.57
C SER A 413 3.67 3.84 24.99
N ASP A 414 3.55 2.51 25.12
CA ASP A 414 3.69 1.62 26.29
C ASP A 414 5.10 0.95 26.43
N GLU A 415 5.95 1.12 25.39
CA GLU A 415 7.29 0.52 25.28
C GLU A 415 8.43 1.53 25.45
N SER A 416 8.12 2.83 25.67
CA SER A 416 9.12 3.88 25.81
C SER A 416 10.24 3.67 26.82
N VAL A 417 11.48 3.83 26.32
CA VAL A 417 12.78 3.67 26.96
C VAL A 417 13.42 5.11 26.95
N LEU A 418 12.83 6.07 26.18
CA LEU A 418 13.31 7.43 26.15
C LEU A 418 12.34 8.41 26.72
N SER A 419 12.85 9.16 27.65
CA SER A 419 12.21 10.31 28.21
C SER A 419 12.89 11.38 27.29
N MET A 420 12.14 12.35 26.78
CA MET A 420 12.84 13.33 25.92
C MET A 420 12.87 14.61 26.73
N HIS A 421 12.95 14.40 28.06
CA HIS A 421 12.96 15.41 29.10
C HIS A 421 14.28 15.48 29.79
N LYS A 422 14.63 16.74 30.02
CA LYS A 422 15.84 17.18 30.64
C LYS A 422 17.01 16.43 30.00
N VAL A 423 17.07 16.42 28.62
CA VAL A 423 18.09 15.88 27.72
C VAL A 423 19.22 16.90 27.99
N CYS A 424 18.80 18.11 28.45
CA CYS A 424 19.60 19.21 28.98
C CYS A 424 20.20 18.79 30.34
N GLU A 425 19.39 18.30 31.32
CA GLU A 425 19.84 17.80 32.64
C GLU A 425 20.77 16.57 32.38
N ALA A 426 20.20 15.54 31.73
CA ALA A 426 20.83 14.26 31.37
C ALA A 426 22.12 14.42 30.55
N GLY A 427 22.12 15.36 29.62
CA GLY A 427 23.26 15.62 28.73
C GLY A 427 23.34 14.67 27.55
N GLY A 428 22.23 14.02 27.22
CA GLY A 428 22.14 13.08 26.10
C GLY A 428 20.75 12.51 25.92
N LEU A 429 20.48 11.99 24.71
CA LEU A 429 19.20 11.36 24.39
C LEU A 429 19.08 9.95 24.98
N PHE A 430 20.20 9.22 25.10
CA PHE A 430 20.28 7.81 25.57
C PHE A 430 21.09 7.58 26.89
N VAL A 431 21.21 8.62 27.75
CA VAL A 431 21.98 8.55 29.02
C VAL A 431 21.59 7.41 29.98
N ASN A 432 20.31 7.37 30.41
CA ASN A 432 19.83 6.30 31.30
C ASN A 432 18.91 5.36 30.49
N SER A 433 19.38 5.02 29.28
CA SER A 433 18.72 4.18 28.29
C SER A 433 19.54 2.91 28.06
N PRO A 434 18.90 1.74 27.80
CA PRO A 434 19.68 0.51 27.61
C PRO A 434 20.55 0.52 26.38
N GLU A 435 21.71 -0.16 26.49
CA GLU A 435 22.65 -0.34 25.39
C GLU A 435 22.09 -1.30 24.36
N GLU A 436 21.27 -2.27 24.80
CA GLU A 436 20.66 -3.27 23.93
C GLU A 436 19.14 -3.19 24.11
N PRO A 437 18.47 -2.13 23.62
CA PRO A 437 17.00 -2.05 23.77
C PRO A 437 16.33 -3.27 23.16
N SER A 438 15.20 -3.69 23.76
CA SER A 438 14.42 -4.81 23.24
C SER A 438 13.86 -4.40 21.86
N LEU A 439 13.27 -5.35 21.13
CA LEU A 439 12.73 -4.99 19.83
C LEU A 439 11.26 -4.66 20.00
N SER A 440 10.87 -3.43 19.62
CA SER A 440 9.48 -2.96 19.68
C SER A 440 8.57 -3.86 18.85
N ARG A 441 7.30 -4.02 19.27
CA ARG A 441 6.30 -4.84 18.56
C ARG A 441 5.90 -4.23 17.20
N MET A 442 6.28 -2.97 16.98
CA MET A 442 5.96 -2.24 15.74
C MET A 442 6.85 -2.63 14.57
N VAL A 443 8.10 -3.05 14.87
CA VAL A 443 9.14 -3.34 13.87
C VAL A 443 9.77 -4.73 13.98
N THR A 444 10.30 -5.24 12.86
CA THR A 444 11.07 -6.49 12.85
C THR A 444 12.52 -6.06 12.94
N GLU A 445 13.44 -6.99 13.23
CA GLU A 445 14.86 -6.72 13.27
C GLU A 445 15.32 -6.23 11.88
N GLU A 446 14.77 -6.86 10.83
CA GLU A 446 15.01 -6.59 9.39
C GLU A 446 14.68 -5.13 9.04
N GLU A 447 13.51 -4.65 9.51
CA GLU A 447 13.08 -3.27 9.32
C GLU A 447 14.03 -2.29 10.03
N ILE A 448 14.53 -2.63 11.23
CA ILE A 448 15.52 -1.80 11.94
C ILE A 448 16.80 -1.71 11.08
N GLN A 449 17.29 -2.87 10.59
CA GLN A 449 18.51 -2.93 9.77
C GLN A 449 18.39 -2.15 8.45
N PHE A 450 17.16 -1.99 7.92
CA PHE A 450 16.97 -1.15 6.73
C PHE A 450 17.31 0.31 7.08
N TYR A 451 16.74 0.83 8.21
CA TYR A 451 17.01 2.19 8.67
C TYR A 451 18.50 2.35 8.98
N VAL A 452 19.12 1.33 9.61
CA VAL A 452 20.55 1.30 9.94
C VAL A 452 21.37 1.46 8.63
N GLN A 453 21.05 0.66 7.60
CA GLN A 453 21.75 0.71 6.31
C GLN A 453 21.56 2.06 5.62
N GLN A 454 20.35 2.63 5.67
CA GLN A 454 20.10 3.95 5.06
C GLN A 454 20.92 5.06 5.71
N PHE A 455 20.98 5.10 7.05
CA PHE A 455 21.72 6.11 7.78
C PHE A 455 23.25 5.99 7.77
N LYS A 456 23.78 4.87 7.24
CA LYS A 456 25.22 4.66 7.09
C LYS A 456 25.80 5.57 6.02
N LYS A 457 25.00 5.94 4.99
N LYS A 457 24.97 5.93 5.01
CA LYS A 457 25.49 6.81 3.93
CA LYS A 457 25.33 6.79 3.87
C LYS A 457 25.81 8.24 4.39
C LYS A 457 25.71 8.22 4.27
N SER A 458 24.83 8.94 4.99
CA SER A 458 25.04 10.35 5.35
C SER A 458 25.01 10.69 6.81
N GLY A 459 24.53 9.77 7.64
CA GLY A 459 24.42 9.99 9.07
C GLY A 459 23.30 10.93 9.46
N PHE A 460 23.58 11.74 10.51
CA PHE A 460 22.60 12.62 11.13
C PHE A 460 22.78 14.11 10.92
N ARG A 461 23.87 14.55 10.25
CA ARG A 461 24.12 15.97 10.01
C ARG A 461 22.97 16.67 9.26
N GLY A 462 22.67 16.19 8.06
CA GLY A 462 21.56 16.69 7.24
C GLY A 462 20.23 16.63 7.99
N PRO A 463 19.85 15.46 8.52
CA PRO A 463 18.62 15.37 9.32
C PRO A 463 18.55 16.36 10.49
N LEU A 464 19.65 16.53 11.27
CA LEU A 464 19.67 17.45 12.42
C LEU A 464 19.66 18.89 12.00
N ASN A 465 20.17 19.17 10.78
CA ASN A 465 20.17 20.54 10.25
C ASN A 465 18.75 21.10 10.05
N TRP A 466 17.72 20.23 9.93
CA TRP A 466 16.32 20.67 9.81
C TRP A 466 15.90 21.53 11.04
N TYR A 467 16.55 21.31 12.21
CA TYR A 467 16.32 22.00 13.48
C TYR A 467 17.16 23.23 13.67
N ARG A 468 18.18 23.44 12.83
CA ARG A 468 19.16 24.51 12.99
C ARG A 468 18.86 25.76 12.19
N ASN A 469 17.59 25.91 11.78
CA ASN A 469 17.17 27.04 10.97
C ASN A 469 16.05 27.85 11.62
N MET A 470 15.94 27.80 12.98
CA MET A 470 14.90 28.45 13.79
C MET A 470 14.59 29.91 13.46
N GLU A 471 15.60 30.77 13.50
CA GLU A 471 15.50 32.20 13.20
C GLU A 471 15.11 32.46 11.72
N ARG A 472 15.72 31.71 10.78
CA ARG A 472 15.46 31.81 9.34
C ARG A 472 14.02 31.41 9.04
N ASN A 473 13.57 30.26 9.58
CA ASN A 473 12.20 29.76 9.38
C ASN A 473 11.16 30.67 9.96
N TRP A 474 11.47 31.31 11.10
CA TRP A 474 10.59 32.25 11.79
C TRP A 474 10.36 33.51 10.94
N LYS A 475 11.45 34.12 10.46
CA LYS A 475 11.40 35.30 9.60
C LYS A 475 10.63 35.00 8.30
N TRP A 476 10.85 33.82 7.70
CA TRP A 476 10.17 33.42 6.48
C TRP A 476 8.69 33.21 6.76
N ALA A 477 8.35 32.51 7.85
CA ALA A 477 6.97 32.23 8.25
C ALA A 477 6.17 33.51 8.56
N CYS A 478 6.84 34.58 9.06
CA CYS A 478 6.22 35.87 9.36
C CYS A 478 5.59 36.57 8.11
N LYS A 479 6.07 36.21 6.90
CA LYS A 479 5.56 36.73 5.61
C LYS A 479 4.15 36.20 5.33
N SER A 480 3.79 35.06 5.92
CA SER A 480 2.51 34.39 5.72
C SER A 480 1.49 34.68 6.81
N LEU A 481 1.82 35.59 7.74
CA LEU A 481 0.94 35.92 8.87
C LEU A 481 -0.44 36.49 8.54
N GLY A 482 -0.59 37.08 7.37
CA GLY A 482 -1.87 37.60 6.91
C GLY A 482 -2.67 36.61 6.08
N ARG A 483 -2.09 35.43 5.82
CA ARG A 483 -2.73 34.42 4.97
C ARG A 483 -3.61 33.44 5.72
N LYS A 484 -4.38 32.66 4.95
CA LYS A 484 -5.19 31.55 5.44
C LYS A 484 -5.02 30.37 4.49
N ILE A 485 -5.06 29.13 5.01
CA ILE A 485 -5.02 27.93 4.20
C ILE A 485 -6.48 27.63 3.83
N LEU A 486 -6.81 27.80 2.55
CA LEU A 486 -8.17 27.66 2.05
C LEU A 486 -8.34 26.54 1.03
N ILE A 487 -7.26 25.76 0.85
CA ILE A 487 -7.23 24.59 -0.02
C ILE A 487 -7.68 23.39 0.85
N PRO A 488 -8.14 22.24 0.31
CA PRO A 488 -8.57 21.12 1.17
C PRO A 488 -7.45 20.67 2.11
N ALA A 489 -7.73 20.55 3.42
CA ALA A 489 -6.76 20.21 4.48
C ALA A 489 -7.28 19.19 5.50
N LEU A 490 -6.38 18.30 5.97
CA LEU A 490 -6.65 17.26 6.95
C LEU A 490 -5.61 17.29 8.05
N MET A 491 -6.09 17.33 9.31
CA MET A 491 -5.21 17.26 10.45
C MET A 491 -5.53 15.94 11.17
N VAL A 492 -4.52 15.05 11.27
CA VAL A 492 -4.67 13.75 11.94
C VAL A 492 -3.90 13.78 13.24
N THR A 493 -4.61 13.75 14.38
CA THR A 493 -3.98 13.79 15.70
C THR A 493 -3.77 12.37 16.26
N ALA A 494 -2.72 12.20 17.08
CA ALA A 494 -2.35 10.93 17.69
C ALA A 494 -2.41 11.10 19.22
N GLU A 495 -3.32 10.38 19.88
CA GLU A 495 -3.59 10.48 21.31
C GLU A 495 -2.36 10.47 22.20
N LYS A 496 -1.49 9.48 21.98
CA LYS A 496 -0.31 9.23 22.79
C LYS A 496 1.00 9.77 22.27
N ASP A 497 0.94 10.75 21.34
CA ASP A 497 2.16 11.40 20.91
C ASP A 497 2.39 12.45 22.00
N PHE A 498 3.40 12.24 22.86
CA PHE A 498 3.64 13.15 23.97
C PHE A 498 4.44 14.38 23.64
N VAL A 499 4.92 14.48 22.37
CA VAL A 499 5.65 15.65 21.89
C VAL A 499 4.72 16.51 21.04
N LEU A 500 4.10 15.89 20.02
CA LEU A 500 3.12 16.55 19.15
C LEU A 500 1.74 16.12 19.67
N VAL A 501 1.35 16.70 20.82
CA VAL A 501 0.09 16.38 21.51
C VAL A 501 -1.13 16.88 20.73
N PRO A 502 -2.29 16.16 20.75
CA PRO A 502 -3.46 16.64 19.99
C PRO A 502 -3.93 18.06 20.30
N GLN A 503 -3.83 18.51 21.58
CA GLN A 503 -4.24 19.85 22.01
C GLN A 503 -3.43 20.99 21.39
N MET A 504 -2.25 20.69 20.83
CA MET A 504 -1.41 21.64 20.12
C MET A 504 -2.07 22.07 18.80
N SER A 505 -3.04 21.28 18.31
CA SER A 505 -3.76 21.53 17.06
C SER A 505 -5.10 22.28 17.26
N GLN A 506 -5.48 22.55 18.53
CA GLN A 506 -6.76 23.16 18.91
C GLN A 506 -7.15 24.50 18.23
N HIS A 507 -6.16 25.34 17.89
CA HIS A 507 -6.44 26.63 17.26
C HIS A 507 -6.37 26.65 15.74
N MET A 508 -6.06 25.50 15.09
CA MET A 508 -5.88 25.43 13.64
C MET A 508 -6.99 26.01 12.79
N GLU A 509 -8.26 25.80 13.20
CA GLU A 509 -9.44 26.31 12.50
C GLU A 509 -9.45 27.84 12.30
N ASP A 510 -8.73 28.60 13.16
CA ASP A 510 -8.58 30.06 13.02
C ASP A 510 -7.81 30.42 11.74
N TRP A 511 -6.89 29.56 11.30
N TRP A 511 -6.87 29.55 11.33
CA TRP A 511 -6.10 29.78 10.09
CA TRP A 511 -6.00 29.69 10.15
C TRP A 511 -6.50 28.88 8.93
C TRP A 511 -6.50 28.88 8.96
N ILE A 512 -7.18 27.75 9.23
CA ILE A 512 -7.68 26.80 8.23
C ILE A 512 -9.17 26.56 8.53
N PRO A 513 -10.09 27.48 8.14
CA PRO A 513 -11.52 27.32 8.50
C PRO A 513 -12.24 26.05 8.06
N HIS A 514 -11.94 25.56 6.86
CA HIS A 514 -12.60 24.37 6.28
C HIS A 514 -11.85 23.07 6.63
N LEU A 515 -10.90 23.14 7.59
CA LEU A 515 -10.09 21.99 8.01
C LEU A 515 -10.90 20.76 8.38
N LYS A 516 -10.51 19.59 7.84
CA LYS A 516 -11.09 18.30 8.16
C LYS A 516 -10.16 17.64 9.18
N ARG A 517 -10.69 16.72 9.98
CA ARG A 517 -9.88 16.09 11.01
C ARG A 517 -10.02 14.59 11.09
N GLY A 518 -9.02 13.99 11.71
CA GLY A 518 -8.95 12.56 12.01
C GLY A 518 -8.27 12.42 13.34
N HIS A 519 -8.54 11.35 14.08
CA HIS A 519 -7.89 11.17 15.37
C HIS A 519 -7.65 9.71 15.60
N ILE A 520 -6.44 9.36 16.08
CA ILE A 520 -6.09 7.98 16.37
C ILE A 520 -5.77 7.78 17.83
N GLU A 521 -6.59 6.95 18.49
CA GLU A 521 -6.46 6.64 19.90
C GLU A 521 -5.41 5.57 20.05
N ASP A 522 -4.75 5.54 21.23
CA ASP A 522 -3.71 4.58 21.61
C ASP A 522 -2.57 4.55 20.57
N CYS A 523 -2.29 5.73 19.97
CA CYS A 523 -1.27 5.91 18.94
C CYS A 523 -0.18 6.83 19.42
N GLY A 524 1.04 6.35 19.36
CA GLY A 524 2.23 7.12 19.72
C GLY A 524 2.68 8.05 18.59
N HIS A 525 3.95 8.46 18.63
CA HIS A 525 4.54 9.38 17.65
C HIS A 525 4.74 8.78 16.25
N TRP A 526 5.07 7.49 16.16
CA TRP A 526 5.37 6.78 14.92
C TRP A 526 4.12 6.25 14.28
N THR A 527 3.17 7.16 14.04
CA THR A 527 1.81 6.95 13.54
C THR A 527 1.65 5.91 12.45
N GLN A 528 2.50 5.98 11.39
CA GLN A 528 2.37 5.11 10.24
C GLN A 528 2.54 3.64 10.55
N MET A 529 3.48 3.29 11.43
CA MET A 529 3.77 1.89 11.77
C MET A 529 3.08 1.44 13.08
N ASP A 530 2.69 2.41 13.91
CA ASP A 530 1.96 2.19 15.15
C ASP A 530 0.55 1.77 14.80
N LYS A 531 -0.15 2.58 13.99
CA LYS A 531 -1.52 2.31 13.57
C LYS A 531 -1.70 2.33 12.03
N PRO A 532 -1.03 1.45 11.25
CA PRO A 532 -1.18 1.48 9.78
C PRO A 532 -2.58 1.36 9.22
N THR A 533 -3.39 0.40 9.73
CA THR A 533 -4.75 0.18 9.22
C THR A 533 -5.63 1.43 9.30
N GLU A 534 -5.58 2.11 10.44
CA GLU A 534 -6.40 3.31 10.67
C GLU A 534 -5.92 4.52 9.92
N VAL A 535 -4.58 4.71 9.78
CA VAL A 535 -3.96 5.78 8.98
C VAL A 535 -4.49 5.63 7.55
N ASN A 536 -4.39 4.40 7.00
CA ASN A 536 -4.86 4.09 5.66
C ASN A 536 -6.34 4.40 5.49
N GLN A 537 -7.18 3.97 6.45
CA GLN A 537 -8.62 4.25 6.38
C GLN A 537 -8.89 5.76 6.36
N ILE A 538 -8.23 6.53 7.25
CA ILE A 538 -8.41 7.98 7.33
C ILE A 538 -7.96 8.70 6.04
N LEU A 539 -6.75 8.37 5.56
CA LEU A 539 -6.22 8.99 4.35
C LEU A 539 -7.02 8.68 3.10
N ILE A 540 -7.38 7.39 2.85
CA ILE A 540 -8.14 7.00 1.66
C ILE A 540 -9.51 7.67 1.62
N LYS A 541 -10.21 7.69 2.77
CA LYS A 541 -11.52 8.34 2.89
C LYS A 541 -11.40 9.83 2.55
N TRP A 542 -10.41 10.52 3.13
CA TRP A 542 -10.22 11.96 2.85
C TRP A 542 -9.78 12.23 1.39
N LEU A 543 -8.88 11.40 0.83
CA LEU A 543 -8.44 11.53 -0.55
C LEU A 543 -9.61 11.40 -1.52
N ASP A 544 -10.48 10.37 -1.34
CA ASP A 544 -11.63 10.14 -2.22
C ASP A 544 -12.70 11.22 -2.11
N SER A 545 -12.78 11.91 -0.97
CA SER A 545 -13.77 12.97 -0.77
C SER A 545 -13.29 14.38 -1.15
N ASP A 546 -12.02 14.73 -0.82
CA ASP A 546 -11.43 16.06 -1.01
C ASP A 546 -10.34 16.25 -2.09
N ALA A 547 -9.67 15.16 -2.50
CA ALA A 547 -8.60 15.28 -3.49
C ALA A 547 -8.74 14.31 -4.66
N ARG A 548 -9.50 14.73 -5.70
CA ARG A 548 -9.82 14.00 -6.94
C ARG A 548 -9.49 12.50 -6.99
S DMS B . 3.43 -12.37 -9.82
O DMS B . 2.81 -14.03 -9.54
C1 DMS B . 4.32 -12.30 -11.40
C2 DMS B . 4.75 -12.03 -8.63
S DMS C . 6.05 -6.15 12.60
O DMS C . 4.56 -5.30 13.12
C1 DMS C . 5.58 -7.69 11.79
C2 DMS C . 6.85 -6.83 14.08
S DMS D . 7.20 28.50 13.44
O DMS D . 6.52 27.80 14.95
C1 DMS D . 8.28 27.29 12.62
C2 DMS D . 8.41 29.80 13.85
C13 7GM E . 8.46 20.70 16.64
C17 7GM E . 9.68 21.44 14.71
C14 7GM E . 7.75 21.89 16.65
C16 7GM E . 8.97 22.63 14.73
C12 7GM E . 9.41 20.46 15.66
C15 7GM E . 8.00 22.85 15.70
C9 7GM E . 11.53 12.46 16.93
C10 7GM E . 10.33 12.85 17.71
C3 7GM E . 8.73 17.61 16.74
C4 7GM E . 9.30 16.27 17.11
C6 7GM E . 10.49 16.97 15.27
C8 7GM E . 11.28 13.91 17.24
C2 7GM E . 9.43 18.04 15.46
C1 7GM E . 8.46 18.05 14.29
C19 7GM E . 8.28 25.30 16.71
C7 7GM E . 10.86 14.80 16.12
N5 7GM E . 10.62 16.19 16.50
O11 7GM E . 10.16 19.28 15.61
S18 7GM E . 7.08 24.35 15.74
#